data_9HF8
#
_entry.id   9HF8
#
_cell.length_a   85.301
_cell.length_b   85.301
_cell.length_c   91.552
_cell.angle_alpha   90.00
_cell.angle_beta   90.00
_cell.angle_gamma   120.00
#
_symmetry.space_group_name_H-M   'P 31 2 1'
#
loop_
_entity.id
_entity.type
_entity.pdbx_description
1 polymer 'Telomeric repeat-binding factor 1'
2 non-polymer GLYCEROL
3 non-polymer N-Benzyl-2-methoxyacetamide
4 non-polymer 'DIMETHYL SULFOXIDE'
5 water water
#
_entity_poly.entity_id   1
_entity_poly.type   'polypeptide(L)'
_entity_poly.pdbx_seq_one_letter_code
;SNAQVQVGAPEEEEEEEEDAGLVAEAEAVAAGWMLDFLCLSLCRAFRDGRSEDFRRTRNSAEAIIHGLSSLTACQLRTIY
ICQFLTRIAAGKTLDAQFENDERITPLESALMIWGSIEKEHDKLHEEIQNLIKIQAIAVCMENGNFKEAEEVFERIFGDP
NSHMPFKSKLLMIISQKDTFHSFFQHFSYNHMMEKIKSYVNYVLSEKSSTFLMKAAAKVVESKR
;
_entity_poly.pdbx_strand_id   A
#
loop_
_chem_comp.id
_chem_comp.type
_chem_comp.name
_chem_comp.formula
DMS non-polymer 'DIMETHYL SULFOXIDE' 'C2 H6 O S'
GOL non-polymer GLYCEROL 'C3 H8 O3'
T9Q non-polymer N-Benzyl-2-methoxyacetamide 'C10 H13 N O2'
#
# COMPACT_ATOMS: atom_id res chain seq x y z
CA GLU A 17 -28.77 11.42 -31.68
C GLU A 17 -27.56 11.19 -30.78
N GLU A 18 -27.22 9.92 -30.51
CA GLU A 18 -26.36 9.56 -29.38
C GLU A 18 -25.13 8.77 -29.88
N ASP A 19 -23.93 9.30 -29.63
CA ASP A 19 -22.72 8.64 -30.11
C ASP A 19 -22.09 7.75 -29.03
N ALA A 20 -22.07 6.43 -29.28
CA ALA A 20 -21.51 5.42 -28.38
C ALA A 20 -20.06 5.71 -27.97
N GLY A 21 -19.21 6.10 -28.92
CA GLY A 21 -17.82 6.42 -28.65
C GLY A 21 -17.59 7.61 -27.72
N LEU A 22 -18.42 8.68 -27.85
CA LEU A 22 -18.28 9.86 -26.99
C LEU A 22 -18.80 9.58 -25.56
N VAL A 23 -19.80 8.70 -25.43
CA VAL A 23 -20.35 8.29 -24.15
C VAL A 23 -19.30 7.45 -23.43
N ALA A 24 -18.68 6.50 -24.15
CA ALA A 24 -17.63 5.64 -23.61
C ALA A 24 -16.44 6.49 -23.14
N GLU A 25 -16.11 7.55 -23.89
CA GLU A 25 -15.05 8.49 -23.53
C GLU A 25 -15.39 9.26 -22.23
N ALA A 26 -16.64 9.73 -22.10
CA ALA A 26 -17.11 10.42 -20.89
C ALA A 26 -17.05 9.47 -19.68
N GLU A 27 -17.38 8.19 -19.90
CA GLU A 27 -17.31 7.19 -18.84
C GLU A 27 -15.87 6.92 -18.42
N ALA A 28 -14.91 6.99 -19.36
CA ALA A 28 -13.49 6.79 -19.08
C ALA A 28 -12.93 7.97 -18.26
N VAL A 29 -13.35 9.21 -18.60
CA VAL A 29 -12.96 10.43 -17.87
C VAL A 29 -13.46 10.29 -16.41
N ALA A 30 -14.74 9.94 -16.24
CA ALA A 30 -15.37 9.77 -14.94
C ALA A 30 -14.75 8.66 -14.14
N ALA A 31 -14.33 7.55 -14.78
CA ALA A 31 -13.63 6.46 -14.09
C ALA A 31 -12.28 6.99 -13.55
N GLY A 32 -11.59 7.80 -14.34
CA GLY A 32 -10.32 8.42 -13.97
C GLY A 32 -10.48 9.30 -12.75
N TRP A 33 -11.59 10.06 -12.70
CA TRP A 33 -11.94 10.94 -11.57
C TRP A 33 -12.25 10.07 -10.33
N MET A 34 -13.04 9.02 -10.51
CA MET A 34 -13.39 8.13 -9.41
C MET A 34 -12.16 7.45 -8.82
N LEU A 35 -11.18 7.08 -9.67
CA LEU A 35 -9.94 6.42 -9.24
C LEU A 35 -9.13 7.30 -8.29
N ASP A 36 -8.94 8.57 -8.64
CA ASP A 36 -8.21 9.49 -7.80
C ASP A 36 -8.94 9.76 -6.48
N PHE A 37 -10.27 9.84 -6.54
CA PHE A 37 -11.08 10.10 -5.35
C PHE A 37 -10.97 8.91 -4.39
N LEU A 38 -11.06 7.69 -4.93
CA LEU A 38 -10.97 6.49 -4.11
C LEU A 38 -9.55 6.25 -3.58
N CYS A 39 -8.52 6.68 -4.31
CA CYS A 39 -7.14 6.57 -3.83
C CYS A 39 -6.97 7.51 -2.61
N LEU A 40 -7.53 8.72 -2.70
CA LEU A 40 -7.52 9.73 -1.65
C LEU A 40 -8.22 9.20 -0.40
N SER A 41 -9.40 8.59 -0.58
CA SER A 41 -10.15 8.04 0.52
C SER A 41 -9.44 6.84 1.13
N LEU A 42 -8.79 6.00 0.30
CA LEU A 42 -8.04 4.84 0.78
C LEU A 42 -6.86 5.31 1.64
N CYS A 43 -6.16 6.38 1.19
CA CYS A 43 -5.03 6.96 1.89
C CYS A 43 -5.44 7.53 3.26
N ARG A 44 -6.58 8.24 3.30
CA ARG A 44 -7.05 8.82 4.56
C ARG A 44 -7.47 7.73 5.54
N ALA A 45 -8.17 6.68 5.06
CA ALA A 45 -8.60 5.58 5.91
C ALA A 45 -7.41 4.80 6.47
N PHE A 46 -6.35 4.66 5.66
CA PHE A 46 -5.11 3.98 6.06
C PHE A 46 -4.42 4.83 7.13
N ARG A 47 -4.31 6.15 6.89
CA ARG A 47 -3.67 7.05 7.83
C ARG A 47 -4.41 7.05 9.18
N ASP A 48 -5.75 7.07 9.13
CA ASP A 48 -6.62 7.13 10.30
C ASP A 48 -6.82 5.80 11.04
N GLY A 49 -6.49 4.68 10.38
CA GLY A 49 -6.70 3.37 10.98
C GLY A 49 -8.16 2.95 10.97
N ARG A 50 -8.95 3.50 10.04
CA ARG A 50 -10.36 3.15 9.90
C ARG A 50 -10.45 1.90 9.02
N SER A 51 -10.22 0.70 9.62
CA SER A 51 -10.17 -0.59 8.92
C SER A 51 -11.36 -0.95 8.04
N GLU A 52 -12.59 -0.81 8.57
CA GLU A 52 -13.79 -1.13 7.81
C GLU A 52 -13.98 -0.17 6.65
N ASP A 53 -13.66 1.11 6.86
CA ASP A 53 -13.75 2.11 5.81
C ASP A 53 -12.71 1.82 4.72
N PHE A 54 -11.49 1.41 5.14
CA PHE A 54 -10.42 1.04 4.23
C PHE A 54 -10.88 -0.15 3.37
N ARG A 55 -11.46 -1.20 4.02
CA ARG A 55 -11.97 -2.37 3.33
C ARG A 55 -13.01 -1.98 2.26
N ARG A 56 -13.98 -1.14 2.62
CA ARG A 56 -15.01 -0.70 1.69
C ARG A 56 -14.47 0.12 0.52
N THR A 57 -13.59 1.09 0.81
CA THR A 57 -12.98 1.91 -0.24
C THR A 57 -12.11 1.07 -1.18
N ARG A 58 -11.40 0.07 -0.65
CA ARG A 58 -10.55 -0.82 -1.41
C ARG A 58 -11.43 -1.62 -2.39
N ASN A 59 -12.58 -2.12 -1.91
CA ASN A 59 -13.52 -2.88 -2.73
C ASN A 59 -14.05 -2.02 -3.88
N SER A 60 -14.37 -0.75 -3.59
CA SER A 60 -14.83 0.21 -4.59
C SER A 60 -13.73 0.53 -5.60
N ALA A 61 -12.48 0.80 -5.14
CA ALA A 61 -11.36 1.13 -6.01
C ALA A 61 -11.09 -0.04 -6.96
N GLU A 62 -11.10 -1.28 -6.43
CA GLU A 62 -10.86 -2.47 -7.20
C GLU A 62 -11.93 -2.64 -8.28
N ALA A 63 -13.19 -2.40 -7.96
CA ALA A 63 -14.26 -2.52 -8.94
C ALA A 63 -14.12 -1.42 -10.04
N ILE A 64 -13.84 -0.16 -9.65
CA ILE A 64 -13.68 0.95 -10.60
C ILE A 64 -12.49 0.72 -11.55
N ILE A 65 -11.39 0.17 -11.02
CA ILE A 65 -10.19 -0.14 -11.79
C ILE A 65 -10.50 -1.19 -12.87
N HIS A 66 -11.45 -2.11 -12.60
CA HIS A 66 -11.89 -3.09 -13.60
C HIS A 66 -12.60 -2.42 -14.78
N GLY A 67 -13.20 -1.26 -14.55
CA GLY A 67 -13.85 -0.49 -15.60
C GLY A 67 -12.91 0.27 -16.52
N LEU A 68 -11.60 0.18 -16.29
CA LEU A 68 -10.61 0.86 -17.15
C LEU A 68 -9.75 -0.20 -17.86
N SER A 69 -9.51 -0.04 -19.16
CA SER A 69 -8.67 -1.00 -19.90
C SER A 69 -7.32 -0.40 -20.34
N SER A 70 -7.22 0.93 -20.36
CA SER A 70 -5.99 1.62 -20.73
C SER A 70 -5.70 2.64 -19.66
N LEU A 71 -4.48 2.62 -19.12
CA LEU A 71 -4.13 3.55 -18.06
C LEU A 71 -2.91 4.40 -18.41
N THR A 72 -2.94 5.69 -18.03
CA THR A 72 -1.78 6.56 -18.23
C THR A 72 -0.70 6.22 -17.15
N ALA A 73 0.50 6.84 -17.26
CA ALA A 73 1.57 6.65 -16.29
C ALA A 73 1.11 7.05 -14.88
N CYS A 74 0.35 8.15 -14.78
N CYS A 74 0.35 8.15 -14.78
CA CYS A 74 -0.16 8.63 -13.50
CA CYS A 74 -0.13 8.63 -13.48
C CYS A 74 -1.17 7.66 -12.90
C CYS A 74 -1.22 7.71 -12.89
N GLN A 75 -2.07 7.11 -13.74
CA GLN A 75 -3.10 6.18 -13.29
C GLN A 75 -2.50 4.85 -12.85
N LEU A 76 -1.42 4.39 -13.52
CA LEU A 76 -0.72 3.17 -13.14
C LEU A 76 -0.11 3.37 -11.76
N ARG A 77 0.54 4.51 -11.53
CA ARG A 77 1.10 4.85 -10.22
C ARG A 77 0.01 4.80 -9.12
N THR A 78 -1.19 5.36 -9.43
CA THR A 78 -2.34 5.39 -8.53
C THR A 78 -2.83 3.98 -8.16
N ILE A 79 -3.01 3.10 -9.15
CA ILE A 79 -3.48 1.75 -8.86
C ILE A 79 -2.44 0.97 -8.05
N TYR A 80 -1.14 1.15 -8.34
CA TYR A 80 -0.09 0.43 -7.62
C TYR A 80 0.06 0.91 -6.20
N ILE A 81 -0.20 2.19 -5.93
CA ILE A 81 -0.21 2.70 -4.56
C ILE A 81 -1.39 2.03 -3.81
N CYS A 82 -2.56 1.89 -4.49
CA CYS A 82 -3.71 1.24 -3.87
C CYS A 82 -3.44 -0.22 -3.54
N GLN A 83 -2.81 -0.96 -4.49
CA GLN A 83 -2.45 -2.36 -4.30
C GLN A 83 -1.44 -2.50 -3.17
N PHE A 84 -0.44 -1.61 -3.11
CA PHE A 84 0.59 -1.62 -2.07
C PHE A 84 -0.05 -1.45 -0.69
N LEU A 85 -0.91 -0.41 -0.52
CA LEU A 85 -1.57 -0.17 0.76
C LEU A 85 -2.46 -1.35 1.19
N THR A 86 -3.09 -2.02 0.22
CA THR A 86 -3.94 -3.18 0.43
C THR A 86 -3.13 -4.33 1.04
N ARG A 87 -1.93 -4.61 0.50
CA ARG A 87 -1.06 -5.66 1.02
C ARG A 87 -0.49 -5.28 2.38
N ILE A 88 -0.13 -3.99 2.58
CA ILE A 88 0.37 -3.53 3.88
C ILE A 88 -0.73 -3.70 4.93
N ALA A 89 -1.97 -3.33 4.61
CA ALA A 89 -3.11 -3.45 5.53
C ALA A 89 -3.39 -4.89 5.88
N ALA A 90 -3.15 -5.83 4.95
CA ALA A 90 -3.32 -7.26 5.21
C ALA A 90 -2.06 -7.93 5.80
N GLY A 91 -1.05 -7.14 6.16
CA GLY A 91 0.24 -7.62 6.66
C GLY A 91 0.19 -8.69 7.72
N LYS A 92 -0.73 -8.58 8.69
CA LYS A 92 -0.81 -9.58 9.76
C LYS A 92 -1.88 -10.67 9.51
N THR A 93 -2.43 -10.77 8.29
CA THR A 93 -3.45 -11.76 7.99
C THR A 93 -2.85 -12.96 7.22
C GLN A 97 -4.97 -17.60 -2.20
N PHE A 98 -4.56 -16.68 -1.31
CA PHE A 98 -3.56 -15.68 -1.65
C PHE A 98 -2.20 -16.36 -1.82
CA ASP A 101 -2.38 -17.83 -6.10
C ASP A 101 -0.93 -17.41 -6.26
N GLU A 102 -0.40 -16.73 -5.23
CA GLU A 102 0.99 -16.26 -5.19
C GLU A 102 1.92 -17.20 -4.38
N ARG A 103 1.49 -17.70 -3.20
CA ARG A 103 2.35 -18.56 -2.36
C ARG A 103 3.49 -17.80 -1.66
N ILE A 104 3.43 -16.46 -1.67
CA ILE A 104 4.13 -15.56 -0.77
C ILE A 104 3.11 -14.85 0.17
N THR A 105 3.62 -14.18 1.20
CA THR A 105 2.82 -13.46 2.18
C THR A 105 2.44 -12.04 1.72
N PRO A 106 1.38 -11.45 2.31
CA PRO A 106 1.00 -10.07 1.93
C PRO A 106 2.15 -9.04 1.95
N LEU A 107 3.03 -9.08 2.96
CA LEU A 107 4.14 -8.15 3.08
C LEU A 107 5.21 -8.39 2.02
N GLU A 108 5.41 -9.65 1.62
CA GLU A 108 6.33 -9.97 0.52
C GLU A 108 5.77 -9.43 -0.80
N SER A 109 4.46 -9.48 -0.98
CA SER A 109 3.76 -8.97 -2.14
C SER A 109 3.84 -7.43 -2.16
N ALA A 110 3.71 -6.76 -1.00
CA ALA A 110 3.87 -5.31 -0.89
C ALA A 110 5.30 -4.93 -1.29
N LEU A 111 6.30 -5.72 -0.90
CA LEU A 111 7.69 -5.50 -1.22
C LEU A 111 7.91 -5.52 -2.73
N MET A 112 7.24 -6.44 -3.46
CA MET A 112 7.37 -6.50 -4.92
C MET A 112 6.73 -5.30 -5.58
N ILE A 113 5.61 -4.83 -5.06
CA ILE A 113 4.94 -3.66 -5.61
C ILE A 113 5.80 -2.42 -5.35
N TRP A 114 6.26 -2.24 -4.12
CA TRP A 114 7.11 -1.14 -3.71
C TRP A 114 8.37 -0.99 -4.58
N GLY A 115 9.00 -2.09 -4.92
CA GLY A 115 10.21 -2.07 -5.73
C GLY A 115 9.97 -1.87 -7.21
N SER A 116 8.70 -1.85 -7.65
CA SER A 116 8.38 -1.68 -9.06
C SER A 116 7.57 -0.43 -9.39
N ILE A 117 7.08 0.32 -8.39
CA ILE A 117 6.34 1.57 -8.66
C ILE A 117 7.29 2.57 -9.31
N GLU A 118 6.81 3.37 -10.27
CA GLU A 118 7.63 4.38 -10.91
C GLU A 118 7.76 5.56 -9.95
N LYS A 119 8.71 5.45 -9.02
CA LYS A 119 8.93 6.47 -8.01
C LYS A 119 10.43 6.61 -7.65
N GLU A 120 10.82 7.74 -7.03
CA GLU A 120 12.21 7.99 -6.65
C GLU A 120 12.66 7.03 -5.56
N HIS A 121 13.85 6.46 -5.74
CA HIS A 121 14.41 5.56 -4.73
C HIS A 121 15.30 6.42 -3.81
N ASP A 122 14.63 7.18 -2.94
CA ASP A 122 15.24 8.11 -1.99
C ASP A 122 15.39 7.46 -0.60
N LYS A 123 15.83 8.24 0.42
CA LYS A 123 15.99 7.76 1.80
C LYS A 123 14.70 7.09 2.31
N LEU A 124 13.54 7.79 2.22
CA LEU A 124 12.25 7.24 2.66
C LEU A 124 11.93 5.92 1.98
N HIS A 125 12.20 5.80 0.65
CA HIS A 125 11.93 4.57 -0.09
C HIS A 125 12.71 3.37 0.46
N GLU A 126 14.00 3.58 0.72
CA GLU A 126 14.89 2.55 1.24
C GLU A 126 14.52 2.20 2.68
N GLU A 127 14.14 3.20 3.50
CA GLU A 127 13.70 2.96 4.88
C GLU A 127 12.45 2.08 4.90
N ILE A 128 11.46 2.37 4.05
CA ILE A 128 10.23 1.58 3.96
C ILE A 128 10.53 0.16 3.45
N GLN A 129 11.35 0.03 2.40
CA GLN A 129 11.73 -1.27 1.84
C GLN A 129 12.32 -2.21 2.93
N ASN A 130 13.33 -1.73 3.69
CA ASN A 130 14.00 -2.52 4.71
C ASN A 130 13.11 -2.87 5.88
N LEU A 131 12.22 -1.95 6.30
CA LEU A 131 11.26 -2.22 7.36
C LEU A 131 10.26 -3.30 6.91
N ILE A 132 9.86 -3.29 5.60
CA ILE A 132 8.92 -4.31 5.11
C ILE A 132 9.62 -5.67 5.07
N LYS A 133 10.88 -5.72 4.60
CA LYS A 133 11.67 -6.94 4.51
C LYS A 133 11.77 -7.64 5.90
N ILE A 134 11.99 -6.86 6.96
CA ILE A 134 12.14 -7.42 8.29
C ILE A 134 10.79 -7.77 8.90
N GLN A 135 9.76 -6.92 8.70
CA GLN A 135 8.44 -7.22 9.21
C GLN A 135 7.78 -8.41 8.50
N ALA A 136 8.16 -8.72 7.25
CA ALA A 136 7.62 -9.91 6.58
C ALA A 136 8.02 -11.18 7.36
N ILE A 137 9.20 -11.16 7.98
CA ILE A 137 9.67 -12.23 8.85
C ILE A 137 9.06 -12.09 10.24
N ALA A 138 9.10 -10.90 10.85
CA ALA A 138 8.60 -10.72 12.20
C ALA A 138 7.11 -11.00 12.38
N VAL A 139 6.25 -10.70 11.39
CA VAL A 139 4.82 -11.00 11.54
C VAL A 139 4.58 -12.52 11.60
N CYS A 140 5.42 -13.33 10.94
CA CYS A 140 5.31 -14.79 11.00
C CYS A 140 5.67 -15.29 12.40
N MET A 141 6.70 -14.71 13.00
CA MET A 141 7.12 -15.03 14.36
C MET A 141 6.05 -14.60 15.36
N GLU A 142 5.43 -13.42 15.13
CA GLU A 142 4.37 -12.92 16.00
C GLU A 142 3.19 -13.91 16.01
N ASN A 143 2.87 -14.48 14.84
CA ASN A 143 1.80 -15.47 14.69
C ASN A 143 2.16 -16.90 15.14
N GLY A 144 3.40 -17.13 15.56
CA GLY A 144 3.87 -18.44 16.00
C GLY A 144 4.28 -19.40 14.89
N ASN A 145 4.38 -18.92 13.65
CA ASN A 145 4.77 -19.77 12.52
C ASN A 145 6.21 -19.51 12.13
N PHE A 146 7.12 -20.21 12.78
CA PHE A 146 8.55 -20.04 12.61
C PHE A 146 9.11 -20.75 11.39
N LYS A 147 8.45 -21.84 10.94
CA LYS A 147 8.84 -22.49 9.69
C LYS A 147 8.56 -21.49 8.53
N GLU A 148 7.43 -20.79 8.59
CA GLU A 148 7.06 -19.80 7.59
C GLU A 148 8.00 -18.62 7.62
N ALA A 149 8.44 -18.19 8.82
CA ALA A 149 9.39 -17.09 9.01
C ALA A 149 10.71 -17.42 8.30
N GLU A 150 11.18 -18.69 8.39
CA GLU A 150 12.38 -19.16 7.70
C GLU A 150 12.14 -19.19 6.19
N GLU A 151 10.92 -19.54 5.74
CA GLU A 151 10.59 -19.60 4.32
C GLU A 151 10.56 -18.22 3.69
N VAL A 152 10.01 -17.24 4.41
CA VAL A 152 9.96 -15.83 4.03
C VAL A 152 11.40 -15.31 3.96
N PHE A 153 12.21 -15.61 4.98
CA PHE A 153 13.62 -15.19 5.01
C PHE A 153 14.38 -15.71 3.78
N GLU A 154 14.14 -16.97 3.41
CA GLU A 154 14.81 -17.61 2.29
C GLU A 154 14.39 -16.96 0.97
N ARG A 155 13.13 -16.54 0.84
CA ARG A 155 12.68 -15.90 -0.38
C ARG A 155 13.22 -14.46 -0.54
N ILE A 156 13.35 -13.72 0.57
CA ILE A 156 13.84 -12.33 0.55
C ILE A 156 15.37 -12.22 0.56
N PHE A 157 16.04 -12.95 1.48
CA PHE A 157 17.47 -12.85 1.70
C PHE A 157 18.30 -14.03 1.20
N GLY A 158 17.66 -15.11 0.78
CA GLY A 158 18.37 -16.26 0.22
N PRO A 165 27.39 -11.49 7.07
CA PRO A 165 27.05 -11.92 8.44
C PRO A 165 25.71 -11.41 8.95
N PHE A 166 25.16 -10.34 8.34
CA PHE A 166 23.85 -9.81 8.75
C PHE A 166 22.74 -10.87 8.58
N LYS A 167 22.79 -11.64 7.48
CA LYS A 167 21.81 -12.67 7.19
C LYS A 167 21.90 -13.80 8.22
N SER A 168 23.12 -14.17 8.62
N SER A 168 23.13 -14.16 8.62
CA SER A 168 23.34 -15.22 9.62
CA SER A 168 23.37 -15.20 9.62
C SER A 168 22.79 -14.83 10.99
C SER A 168 22.79 -14.82 10.97
N LYS A 169 22.83 -13.52 11.33
CA LYS A 169 22.28 -13.03 12.59
C LYS A 169 20.78 -13.13 12.55
N LEU A 170 20.17 -12.71 11.44
CA LEU A 170 18.69 -12.75 11.31
C LEU A 170 18.21 -14.22 11.33
N LEU A 171 18.90 -15.12 10.63
CA LEU A 171 18.50 -16.51 10.62
C LEU A 171 18.67 -17.16 12.01
N MET A 172 19.61 -16.69 12.82
CA MET A 172 19.80 -17.20 14.18
C MET A 172 18.64 -16.74 15.06
N ILE A 173 18.23 -15.47 14.92
CA ILE A 173 17.10 -14.86 15.63
C ILE A 173 15.82 -15.72 15.42
N ILE A 174 15.50 -16.05 14.15
CA ILE A 174 14.31 -16.81 13.80
C ILE A 174 14.43 -18.21 14.38
N SER A 175 15.61 -18.84 14.23
CA SER A 175 15.91 -20.18 14.71
C SER A 175 15.73 -20.28 16.25
N GLN A 176 16.15 -19.24 16.97
CA GLN A 176 16.04 -19.18 18.42
C GLN A 176 14.68 -18.59 18.89
N LYS A 177 13.73 -18.33 17.99
CA LYS A 177 12.43 -17.72 18.31
C LYS A 177 12.60 -16.46 19.17
N ASP A 178 13.63 -15.68 18.85
CA ASP A 178 14.01 -14.47 19.56
C ASP A 178 13.26 -13.28 18.98
N THR A 179 11.93 -13.36 19.04
CA THR A 179 10.98 -12.37 18.51
C THR A 179 11.18 -10.95 19.04
N PHE A 180 11.58 -10.81 20.30
CA PHE A 180 11.72 -9.47 20.90
C PHE A 180 13.17 -9.00 20.92
N HIS A 181 14.03 -9.52 20.00
CA HIS A 181 15.42 -9.10 19.84
C HIS A 181 15.46 -7.60 19.60
N SER A 182 16.49 -6.89 20.10
CA SER A 182 16.61 -5.45 19.93
C SER A 182 16.53 -5.00 18.46
N PHE A 183 17.00 -5.84 17.52
CA PHE A 183 16.96 -5.60 16.07
C PHE A 183 15.53 -5.42 15.62
N PHE A 184 14.63 -6.27 16.10
CA PHE A 184 13.19 -6.21 15.81
C PHE A 184 12.50 -5.03 16.46
N GLN A 185 13.09 -4.44 17.50
CA GLN A 185 12.54 -3.29 18.16
C GLN A 185 12.89 -2.00 17.38
N HIS A 186 14.04 -1.97 16.69
CA HIS A 186 14.39 -0.85 15.84
C HIS A 186 13.62 -1.02 14.49
N PHE A 187 13.53 -2.27 13.98
CA PHE A 187 12.82 -2.54 12.73
C PHE A 187 11.45 -3.11 13.06
N SER A 188 10.66 -2.33 13.80
CA SER A 188 9.36 -2.74 14.30
C SER A 188 8.20 -2.53 13.32
N TYR A 189 7.05 -3.10 13.68
CA TYR A 189 5.82 -2.97 12.94
C TYR A 189 5.36 -1.52 13.00
N ASN A 190 5.38 -0.92 14.22
CA ASN A 190 5.00 0.45 14.44
C ASN A 190 5.89 1.40 13.63
N HIS A 191 7.20 1.15 13.55
CA HIS A 191 8.12 1.98 12.75
C HIS A 191 7.83 1.83 11.28
N MET A 192 7.50 0.62 10.82
CA MET A 192 7.13 0.38 9.43
C MET A 192 5.85 1.17 9.11
N MET A 193 4.82 1.05 9.96
CA MET A 193 3.57 1.77 9.75
C MET A 193 3.76 3.28 9.77
N GLU A 194 4.60 3.82 10.66
CA GLU A 194 4.85 5.27 10.71
C GLU A 194 5.54 5.76 9.45
N LYS A 195 6.55 5.02 8.93
CA LYS A 195 7.26 5.45 7.73
C LYS A 195 6.34 5.37 6.51
N ILE A 196 5.48 4.35 6.45
CA ILE A 196 4.54 4.21 5.35
C ILE A 196 3.51 5.33 5.44
N LYS A 197 3.03 5.67 6.64
CA LYS A 197 2.10 6.76 6.86
C LYS A 197 2.66 8.10 6.41
N SER A 198 3.97 8.34 6.62
N SER A 198 3.97 8.34 6.62
CA SER A 198 4.59 9.59 6.16
CA SER A 198 4.59 9.59 6.18
C SER A 198 4.56 9.65 4.62
C SER A 198 4.60 9.65 4.63
N TYR A 199 4.80 8.52 3.97
CA TYR A 199 4.75 8.45 2.52
C TYR A 199 3.31 8.71 2.04
N VAL A 200 2.32 8.12 2.73
CA VAL A 200 0.91 8.29 2.42
C VAL A 200 0.51 9.75 2.49
N ASN A 201 1.10 10.54 3.42
CA ASN A 201 0.81 11.97 3.55
C ASN A 201 1.24 12.75 2.31
N TYR A 202 2.30 12.30 1.63
CA TYR A 202 2.75 12.98 0.41
C TYR A 202 1.79 12.65 -0.76
N VAL A 203 1.32 11.40 -0.83
CA VAL A 203 0.35 10.98 -1.84
C VAL A 203 -0.96 11.74 -1.61
N LEU A 204 -1.39 11.83 -0.35
CA LEU A 204 -2.59 12.48 0.14
C LEU A 204 -2.58 13.97 -0.20
N SER A 205 -1.42 14.63 -0.07
N SER A 205 -1.42 14.64 -0.06
CA SER A 205 -1.29 16.04 -0.38
CA SER A 205 -1.32 16.06 -0.37
C SER A 205 -1.31 16.27 -1.89
C SER A 205 -1.28 16.30 -1.89
N GLU A 206 -0.68 15.37 -2.66
CA GLU A 206 -0.60 15.49 -4.11
C GLU A 206 -1.96 15.33 -4.80
N LYS A 207 -2.88 14.56 -4.18
CA LYS A 207 -4.19 14.28 -4.74
C LYS A 207 -5.35 15.05 -4.10
N SER A 208 -5.09 15.78 -2.99
N SER A 208 -5.11 15.76 -2.99
CA SER A 208 -6.14 16.54 -2.29
CA SER A 208 -6.18 16.50 -2.31
C SER A 208 -6.88 17.54 -3.19
C SER A 208 -6.88 17.56 -3.18
N SER A 209 -6.29 17.90 -4.33
CA SER A 209 -6.84 18.87 -5.29
C SER A 209 -7.56 18.22 -6.48
N THR A 210 -7.62 16.87 -6.55
CA THR A 210 -8.28 16.19 -7.67
C THR A 210 -9.74 16.60 -7.81
N PHE A 211 -10.24 16.60 -9.06
CA PHE A 211 -11.58 17.07 -9.41
C PHE A 211 -12.73 16.66 -8.46
N LEU A 212 -12.94 15.37 -8.25
CA LEU A 212 -14.08 14.88 -7.51
C LEU A 212 -14.10 15.30 -6.04
N MET A 213 -12.99 15.12 -5.32
CA MET A 213 -12.92 15.52 -3.92
C MET A 213 -13.03 17.03 -3.75
N LYS A 214 -12.41 17.78 -4.66
CA LYS A 214 -12.43 19.23 -4.63
C LYS A 214 -13.85 19.76 -4.84
N ALA A 215 -14.59 19.17 -5.79
CA ALA A 215 -15.97 19.59 -6.05
C ALA A 215 -16.89 19.17 -4.90
N ALA A 216 -16.64 17.99 -4.29
CA ALA A 216 -17.42 17.48 -3.18
C ALA A 216 -17.29 18.40 -1.96
N ALA A 217 -16.06 18.85 -1.68
CA ALA A 217 -15.79 19.75 -0.56
C ALA A 217 -16.45 21.11 -0.75
N LYS A 218 -16.51 21.61 -2.00
CA LYS A 218 -17.15 22.91 -2.26
C LYS A 218 -18.65 22.88 -1.96
N VAL A 219 -19.29 21.70 -2.14
CA VAL A 219 -20.71 21.53 -1.85
C VAL A 219 -20.94 21.57 -0.35
N VAL A 220 -20.13 20.82 0.41
CA VAL A 220 -20.19 20.77 1.87
C VAL A 220 -19.90 22.15 2.49
N GLU A 221 -18.95 22.90 1.92
CA GLU A 221 -18.61 24.23 2.41
C GLU A 221 -19.75 25.23 2.16
N SER A 222 -20.55 25.02 1.10
CA SER A 222 -21.70 25.88 0.81
C SER A 222 -22.84 25.68 1.83
N LYS A 223 -22.93 24.49 2.43
CA LYS A 223 -23.96 24.18 3.44
C LYS A 223 -23.64 24.85 4.79
N ARG A 224 -22.40 24.70 5.28
CA ARG A 224 -21.99 25.32 6.54
C1 GOL B . -6.16 -0.09 7.77
O1 GOL B . -6.60 -1.44 7.87
C2 GOL B . -4.98 0.18 8.69
O2 GOL B . -3.89 -0.70 8.40
C3 GOL B . -4.52 1.60 8.62
O3 GOL B . -3.21 1.76 9.13
C10 T9Q C . -6.84 -2.43 -6.65
C13 T9Q C . -6.88 -3.22 -4.01
C01 T9Q C . -4.97 -9.77 -5.82
C03 T9Q C . -5.60 -8.06 -7.36
C04 T9Q C . -5.30 -6.87 -6.48
C07 T9Q C . -6.07 -5.52 -4.58
C08 T9Q C . -6.48 -4.12 -4.97
C09 T9Q C . -6.48 -3.72 -6.30
C11 T9Q C . -7.21 -1.53 -5.67
C12 T9Q C . -7.25 -1.92 -4.35
N06 T9Q C . -6.26 -6.50 -5.63
O02 T9Q C . -4.73 -9.14 -7.07
O05 T9Q C . -4.22 -6.28 -6.58
S DMS D . 1.46 -14.44 8.02
O DMS D . 1.46 -15.31 9.24
C1 DMS D . 0.60 -12.92 8.43
C2 DMS D . 0.21 -15.06 6.88
S DMS E . 17.86 -4.12 6.37
O DMS E . 18.42 -4.54 7.69
C1 DMS E . 17.01 -5.53 5.61
C2 DMS E . 19.21 -4.07 5.16
#